data_8SCD
#
_entry.id   8SCD
#
_cell.length_a   123.831
_cell.length_b   123.831
_cell.length_c   72.797
_cell.angle_alpha   90.000
_cell.angle_beta   90.000
_cell.angle_gamma   120.000
#
_symmetry.space_group_name_H-M   'P 32 2 1'
#
loop_
_entity.id
_entity.type
_entity.pdbx_description
1 polymer 'Sulfonamide resistance enzyme Sul3'
2 non-polymer 2-amino-6-methylidene-6,7-dihydropteridin-4(3H)-one
3 non-polymer '4-AMINOBENZOIC ACID'
4 non-polymer GLYCEROL
5 non-polymer 'CHLORIDE ION'
6 non-polymer 'MAGNESIUM ION'
7 non-polymer 'PYROPHOSPHATE 2-'
8 water water
#
_entity_poly.entity_id   1
_entity_poly.type   'polypeptide(L)'
_entity_poly.pdbx_seq_one_letter_code
;GMSKIFGIVNITTDSFSDGGLYLDTDKAIEHALHLVEDGADVIDLGAASSNPDTTEVGVVEEIKRLKPVIKALKEKGISI
SVDTFKPEVQSFCIEQKVDFINDIQGFPYPEIYSGLAKSDCKLVLMHSVQRIGAATKVETNPAAVFTSMMEFFKERIAAL
VEAGVKRERIILDPGMGFFLGSNPETSILVLKRFPEIQEAFNLQVMIAVSRKSFLGKITGTDVKSRLAPTLAAEMYAYKK
GADYLRTHDVKSLSDALKISKALG
;
_entity_poly.pdbx_strand_id   A
#
loop_
_chem_comp.id
_chem_comp.type
_chem_comp.name
_chem_comp.formula
CL non-polymer 'CHLORIDE ION' 'Cl -1'
GOL non-polymer GLYCEROL 'C3 H8 O3'
MG non-polymer 'MAGNESIUM ION' 'Mg 2'
PAB non-polymer '4-AMINOBENZOIC ACID' 'C7 H7 N O2'
POP non-polymer 'PYROPHOSPHATE 2-' 'H2 O7 P2 -2'
XHP non-polymer 2-amino-6-methylidene-6,7-dihydropteridin-4(3H)-one 'C7 H7 N5 O'
#
# COMPACT_ATOMS: atom_id res chain seq x y z
N GLY A 1 -7.11 15.28 11.79
CA GLY A 1 -6.31 15.19 10.58
C GLY A 1 -7.04 14.51 9.43
N MET A 2 -6.66 14.87 8.21
CA MET A 2 -7.27 14.31 7.00
C MET A 2 -6.31 13.31 6.37
N SER A 3 -6.82 12.15 6.00
CA SER A 3 -5.99 11.10 5.43
C SER A 3 -5.49 11.52 4.05
N LYS A 4 -4.23 11.20 3.76
CA LYS A 4 -3.67 11.37 2.43
C LYS A 4 -4.05 10.18 1.56
N ILE A 5 -4.22 10.43 0.27
CA ILE A 5 -4.72 9.43 -0.67
C ILE A 5 -3.57 8.97 -1.56
N PHE A 6 -3.28 7.67 -1.51
CA PHE A 6 -2.41 7.03 -2.50
C PHE A 6 -3.28 6.52 -3.64
N GLY A 7 -3.03 7.02 -4.85
CA GLY A 7 -3.75 6.54 -6.01
C GLY A 7 -3.07 5.36 -6.66
N ILE A 8 -3.78 4.24 -6.78
CA ILE A 8 -3.22 3.02 -7.32
C ILE A 8 -3.17 3.11 -8.84
N VAL A 9 -1.99 2.95 -9.42
CA VAL A 9 -1.81 2.86 -10.86
C VAL A 9 -1.08 1.55 -11.12
N ASN A 10 -1.83 0.53 -11.53
CA ASN A 10 -1.27 -0.80 -11.78
C ASN A 10 -0.84 -0.90 -13.23
N ILE A 11 0.47 -1.00 -13.47
CA ILE A 11 1.00 -1.24 -14.79
C ILE A 11 1.27 -2.73 -14.93
N THR A 12 0.23 -3.54 -14.75
CA THR A 12 0.33 -4.99 -14.75
C THR A 12 -0.69 -5.58 -15.72
N THR A 13 -0.67 -6.91 -15.83
CA THR A 13 -1.66 -7.63 -16.62
C THR A 13 -2.64 -8.43 -15.77
N ASP A 14 -2.36 -8.63 -14.48
CA ASP A 14 -3.13 -9.56 -13.66
C ASP A 14 -3.49 -8.98 -12.31
N SER A 15 -3.58 -7.66 -12.21
CA SER A 15 -4.08 -7.05 -10.97
C SER A 15 -5.52 -7.47 -10.74
N PHE A 16 -5.86 -7.73 -9.48
CA PHE A 16 -7.11 -8.42 -9.17
C PHE A 16 -8.35 -7.61 -9.54
N SER A 17 -8.24 -6.28 -9.61
CA SER A 17 -9.40 -5.44 -9.91
C SER A 17 -9.30 -4.65 -11.20
N ASP A 18 -8.08 -4.38 -11.70
CA ASP A 18 -7.93 -3.55 -12.90
C ASP A 18 -6.74 -3.99 -13.75
N GLY A 19 -6.37 -5.27 -13.70
CA GLY A 19 -5.22 -5.72 -14.45
C GLY A 19 -5.42 -5.59 -15.94
N GLY A 20 -4.38 -5.13 -16.64
CA GLY A 20 -4.41 -4.97 -18.07
C GLY A 20 -4.96 -3.64 -18.56
N LEU A 21 -5.65 -2.88 -17.70
CA LEU A 21 -6.21 -1.62 -18.13
C LEU A 21 -5.15 -0.56 -18.35
N TYR A 22 -4.08 -0.58 -17.55
CA TYR A 22 -3.05 0.45 -17.60
C TYR A 22 -1.66 -0.14 -17.85
N LEU A 23 -1.60 -1.22 -18.62
CA LEU A 23 -0.30 -1.80 -18.98
C LEU A 23 0.46 -0.89 -19.92
N ASP A 24 -0.24 -0.20 -20.82
CA ASP A 24 0.42 0.71 -21.75
C ASP A 24 1.00 1.91 -20.99
N THR A 25 2.15 2.38 -21.44
CA THR A 25 2.85 3.46 -20.75
C THR A 25 2.00 4.73 -20.73
N ASP A 26 1.54 5.17 -21.91
CA ASP A 26 0.77 6.41 -21.97
C ASP A 26 -0.57 6.28 -21.25
N LYS A 27 -1.19 5.10 -21.29
CA LYS A 27 -2.42 4.91 -20.53
C LYS A 27 -2.17 4.93 -19.03
N ALA A 28 -1.01 4.46 -18.58
CA ALA A 28 -0.67 4.53 -17.16
C ALA A 28 -0.40 5.96 -16.74
N ILE A 29 0.28 6.73 -17.59
CA ILE A 29 0.50 8.15 -17.30
C ILE A 29 -0.83 8.89 -17.29
N GLU A 30 -1.70 8.62 -18.27
CA GLU A 30 -2.99 9.27 -18.32
C GLU A 30 -3.83 8.94 -17.09
N HIS A 31 -3.79 7.68 -16.65
CA HIS A 31 -4.53 7.29 -15.45
C HIS A 31 -4.00 8.02 -14.22
N ALA A 32 -2.67 8.08 -14.09
CA ALA A 32 -2.08 8.76 -12.94
C ALA A 32 -2.44 10.24 -12.93
N LEU A 33 -2.44 10.88 -14.10
CA LEU A 33 -2.81 12.30 -14.16
C LEU A 33 -4.27 12.50 -13.80
N HIS A 34 -5.13 11.56 -14.18
CA HIS A 34 -6.54 11.66 -13.79
C HIS A 34 -6.71 11.50 -12.29
N LEU A 35 -5.97 10.58 -11.68
CA LEU A 35 -6.08 10.37 -10.24
C LEU A 35 -5.62 11.60 -9.46
N VAL A 36 -4.55 12.26 -9.93
CA VAL A 36 -4.11 13.50 -9.31
C VAL A 36 -5.20 14.55 -9.43
N GLU A 37 -5.83 14.64 -10.60
CA GLU A 37 -6.96 15.55 -10.78
C GLU A 37 -8.09 15.22 -9.80
N ASP A 38 -8.29 13.93 -9.52
CA ASP A 38 -9.37 13.50 -8.63
C ASP A 38 -9.05 13.73 -7.15
N GLY A 39 -7.84 14.13 -6.81
CA GLY A 39 -7.51 14.45 -5.43
C GLY A 39 -6.45 13.58 -4.79
N ALA A 40 -5.76 12.78 -5.60
CA ALA A 40 -4.72 11.92 -5.06
C ALA A 40 -3.50 12.74 -4.65
N ASP A 41 -3.02 12.53 -3.43
CA ASP A 41 -1.81 13.19 -2.98
C ASP A 41 -0.55 12.50 -3.48
N VAL A 42 -0.59 11.17 -3.57
CA VAL A 42 0.55 10.37 -4.03
C VAL A 42 0.05 9.37 -5.05
N ILE A 43 0.86 9.10 -6.07
CA ILE A 43 0.58 8.08 -7.07
C ILE A 43 1.41 6.85 -6.72
N ASP A 44 0.73 5.74 -6.43
CA ASP A 44 1.39 4.48 -6.10
C ASP A 44 1.51 3.65 -7.38
N LEU A 45 2.74 3.55 -7.89
CA LEU A 45 2.98 2.82 -9.13
C LEU A 45 3.35 1.37 -8.82
N GLY A 46 2.64 0.43 -9.45
CA GLY A 46 2.93 -0.97 -9.28
C GLY A 46 3.03 -1.72 -10.60
N ALA A 47 4.25 -2.06 -11.01
CA ALA A 47 4.47 -2.79 -12.24
C ALA A 47 4.44 -4.30 -12.04
N ALA A 48 4.05 -4.76 -10.85
CA ALA A 48 3.90 -6.19 -10.59
C ALA A 48 2.89 -6.35 -9.46
N SER A 49 1.94 -7.27 -9.63
CA SER A 49 0.89 -7.44 -8.64
C SER A 49 1.34 -8.39 -7.54
N SER A 50 0.52 -8.48 -6.49
CA SER A 50 0.82 -9.36 -5.37
C SER A 50 -0.42 -10.08 -4.83
N ASN A 51 -1.49 -10.17 -5.62
CA ASN A 51 -2.65 -10.94 -5.23
C ASN A 51 -2.32 -12.43 -5.31
N PRO A 52 -3.15 -13.29 -4.71
CA PRO A 52 -2.85 -14.73 -4.72
C PRO A 52 -2.79 -15.35 -6.11
N ASP A 53 -3.37 -14.72 -7.12
CA ASP A 53 -3.35 -15.25 -8.48
C ASP A 53 -2.29 -14.59 -9.35
N THR A 54 -1.32 -13.91 -8.75
CA THR A 54 -0.36 -13.13 -9.52
C THR A 54 0.63 -14.04 -10.24
N THR A 55 1.31 -13.45 -11.21
CA THR A 55 2.39 -14.10 -11.95
C THR A 55 3.66 -13.27 -11.76
N GLU A 56 4.77 -13.97 -11.54
CA GLU A 56 6.04 -13.29 -11.30
C GLU A 56 6.44 -12.43 -12.51
N VAL A 57 6.80 -11.19 -12.23
CA VAL A 57 7.28 -10.25 -13.24
C VAL A 57 8.78 -10.07 -13.05
N GLY A 58 9.54 -10.17 -14.15
CA GLY A 58 10.98 -10.03 -14.05
C GLY A 58 11.41 -8.63 -13.67
N VAL A 59 12.62 -8.56 -13.10
CA VAL A 59 13.16 -7.27 -12.65
C VAL A 59 13.36 -6.33 -13.84
N VAL A 60 13.90 -6.85 -14.94
CA VAL A 60 14.13 -6.02 -16.12
C VAL A 60 12.81 -5.50 -16.67
N GLU A 61 11.80 -6.38 -16.73
CA GLU A 61 10.48 -5.97 -17.21
C GLU A 61 9.84 -4.96 -16.27
N GLU A 62 9.99 -5.16 -14.95
CA GLU A 62 9.39 -4.25 -13.98
C GLU A 62 9.99 -2.86 -14.08
N ILE A 63 11.31 -2.77 -14.23
CA ILE A 63 11.96 -1.47 -14.36
C ILE A 63 11.60 -0.82 -15.68
N LYS A 64 11.45 -1.63 -16.74
CA LYS A 64 11.07 -1.09 -18.04
C LYS A 64 9.69 -0.44 -17.99
N ARG A 65 8.76 -1.04 -17.25
CA ARG A 65 7.43 -0.45 -17.13
C ARG A 65 7.46 0.84 -16.33
N LEU A 66 8.21 0.87 -15.22
CA LEU A 66 8.18 2.01 -14.32
C LEU A 66 8.94 3.21 -14.89
N LYS A 67 9.98 2.95 -15.68
CA LYS A 67 10.90 4.03 -16.06
C LYS A 67 10.23 5.19 -16.77
N PRO A 68 9.48 5.01 -17.86
CA PRO A 68 8.89 6.18 -18.53
C PRO A 68 7.76 6.81 -17.74
N VAL A 69 7.05 6.03 -16.92
CA VAL A 69 5.97 6.60 -16.10
C VAL A 69 6.54 7.49 -15.01
N ILE A 70 7.59 7.02 -14.32
CA ILE A 70 8.24 7.83 -13.30
C ILE A 70 8.76 9.14 -13.90
N LYS A 71 9.35 9.06 -15.09
CA LYS A 71 9.90 10.25 -15.74
C LYS A 71 8.81 11.27 -16.03
N ALA A 72 7.67 10.82 -16.57
CA ALA A 72 6.59 11.73 -16.91
C ALA A 72 5.97 12.34 -15.65
N LEU A 73 5.81 11.56 -14.59
CA LEU A 73 5.19 12.08 -13.37
C LEU A 73 6.14 13.00 -12.63
N LYS A 74 7.43 12.68 -12.61
CA LYS A 74 8.41 13.56 -11.97
C LYS A 74 8.50 14.90 -12.68
N GLU A 75 8.26 14.93 -14.00
CA GLU A 75 8.26 16.18 -14.73
C GLU A 75 7.13 17.10 -14.25
N LYS A 76 6.00 16.54 -13.86
CA LYS A 76 4.87 17.32 -13.39
C LYS A 76 4.93 17.62 -11.89
N GLY A 77 6.00 17.21 -11.21
CA GLY A 77 6.09 17.43 -9.78
C GLY A 77 5.17 16.57 -8.95
N ILE A 78 4.76 15.42 -9.47
CA ILE A 78 3.82 14.55 -8.76
C ILE A 78 4.59 13.67 -7.80
N SER A 79 4.11 13.57 -6.57
CA SER A 79 4.72 12.69 -5.58
C SER A 79 4.49 11.24 -5.96
N ILE A 80 5.58 10.47 -6.05
CA ILE A 80 5.56 9.12 -6.59
C ILE A 80 5.89 8.12 -5.49
N SER A 81 5.06 7.09 -5.37
CA SER A 81 5.36 5.90 -4.59
C SER A 81 5.44 4.71 -5.53
N VAL A 82 6.38 3.81 -5.29
CA VAL A 82 6.54 2.62 -6.11
C VAL A 82 6.27 1.40 -5.25
N ASP A 83 5.29 0.60 -5.66
CA ASP A 83 4.91 -0.64 -4.98
C ASP A 83 5.76 -1.76 -5.56
N THR A 84 6.91 -2.00 -4.94
CA THR A 84 7.80 -3.07 -5.38
C THR A 84 8.48 -3.72 -4.18
N PHE A 85 8.66 -5.04 -4.26
CA PHE A 85 9.31 -5.80 -3.20
C PHE A 85 10.63 -6.39 -3.65
N LYS A 86 11.09 -6.07 -4.87
CA LYS A 86 12.33 -6.61 -5.38
C LYS A 86 13.46 -5.64 -5.09
N PRO A 87 14.52 -6.05 -4.38
CA PRO A 87 15.57 -5.08 -4.00
C PRO A 87 16.21 -4.36 -5.16
N GLU A 88 16.38 -5.04 -6.31
CA GLU A 88 16.98 -4.36 -7.47
C GLU A 88 16.06 -3.28 -8.01
N VAL A 89 14.75 -3.52 -7.99
CA VAL A 89 13.80 -2.49 -8.41
C VAL A 89 13.79 -1.35 -7.41
N GLN A 90 13.84 -1.67 -6.12
CA GLN A 90 13.89 -0.63 -5.10
C GLN A 90 15.14 0.23 -5.24
N SER A 91 16.26 -0.39 -5.60
CA SER A 91 17.48 0.38 -5.84
C SER A 91 17.32 1.31 -7.03
N PHE A 92 16.59 0.86 -8.06
CA PHE A 92 16.29 1.72 -9.19
C PHE A 92 15.42 2.91 -8.77
N CYS A 93 14.48 2.67 -7.85
CA CYS A 93 13.62 3.76 -7.38
C CYS A 93 14.40 4.78 -6.57
N ILE A 94 15.40 4.34 -5.81
CA ILE A 94 16.23 5.28 -5.07
C ILE A 94 17.00 6.17 -6.03
N GLU A 95 17.50 5.60 -7.13
CA GLU A 95 18.19 6.40 -8.13
C GLU A 95 17.26 7.40 -8.80
N GLN A 96 15.99 7.03 -8.98
CA GLN A 96 15.01 7.93 -9.57
C GLN A 96 14.52 8.98 -8.59
N LYS A 97 14.84 8.84 -7.30
CA LYS A 97 14.48 9.82 -6.27
C LYS A 97 12.96 9.94 -6.12
N VAL A 98 12.29 8.79 -6.08
CA VAL A 98 10.85 8.77 -5.81
C VAL A 98 10.63 9.14 -4.34
N ASP A 99 9.39 9.44 -3.97
CA ASP A 99 9.12 9.87 -2.61
C ASP A 99 8.91 8.70 -1.65
N PHE A 100 8.38 7.58 -2.14
CA PHE A 100 8.10 6.43 -1.29
C PHE A 100 8.51 5.15 -1.99
N ILE A 101 8.95 4.18 -1.20
CA ILE A 101 9.10 2.80 -1.63
C ILE A 101 8.13 1.97 -0.80
N ASN A 102 7.18 1.32 -1.47
CA ASN A 102 6.10 0.57 -0.83
C ASN A 102 6.41 -0.91 -0.96
N ASP A 103 6.79 -1.55 0.14
CA ASP A 103 7.27 -2.92 0.15
C ASP A 103 6.29 -3.80 0.91
N ILE A 104 5.59 -4.68 0.18
CA ILE A 104 4.70 -5.65 0.83
C ILE A 104 5.48 -6.65 1.67
N GLN A 105 6.79 -6.77 1.46
CA GLN A 105 7.63 -7.62 2.29
C GLN A 105 8.27 -6.87 3.46
N GLY A 106 8.08 -5.57 3.55
CA GLY A 106 8.57 -4.81 4.69
C GLY A 106 10.07 -4.74 4.81
N PHE A 107 10.79 -4.79 3.68
CA PHE A 107 12.25 -4.69 3.65
C PHE A 107 12.88 -5.76 4.53
N PRO A 108 12.81 -7.03 4.13
CA PRO A 108 13.33 -8.12 4.96
C PRO A 108 14.79 -8.48 4.69
N TYR A 109 15.44 -7.86 3.72
CA TYR A 109 16.79 -8.21 3.34
C TYR A 109 17.76 -7.18 3.91
N PRO A 110 18.46 -7.48 5.01
CA PRO A 110 19.38 -6.48 5.59
C PRO A 110 20.57 -6.15 4.72
N GLU A 111 20.80 -6.89 3.64
CA GLU A 111 21.95 -6.63 2.77
C GLU A 111 21.84 -5.26 2.10
N ILE A 112 20.63 -4.76 1.90
CA ILE A 112 20.43 -3.47 1.24
C ILE A 112 20.10 -2.36 2.23
N TYR A 113 20.16 -2.63 3.53
CA TYR A 113 19.78 -1.64 4.52
C TYR A 113 20.67 -0.42 4.46
N SER A 114 21.97 -0.61 4.19
CA SER A 114 22.89 0.52 4.10
C SER A 114 22.51 1.43 2.93
N GLY A 115 22.03 0.86 1.84
CA GLY A 115 21.57 1.68 0.72
C GLY A 115 20.28 2.42 1.04
N LEU A 116 19.37 1.77 1.76
CA LEU A 116 18.14 2.44 2.16
C LEU A 116 18.42 3.60 3.11
N ALA A 117 19.45 3.47 3.95
CA ALA A 117 19.76 4.53 4.91
C ALA A 117 20.26 5.79 4.22
N LYS A 118 21.05 5.63 3.14
CA LYS A 118 21.58 6.79 2.45
C LYS A 118 20.52 7.56 1.69
N SER A 119 19.41 6.92 1.32
CA SER A 119 18.34 7.59 0.61
C SER A 119 17.52 8.45 1.57
N ASP A 120 16.74 9.36 0.99
CA ASP A 120 15.85 10.23 1.75
C ASP A 120 14.38 9.89 1.57
N CYS A 121 14.06 8.90 0.74
CA CYS A 121 12.67 8.56 0.49
C CYS A 121 12.05 7.90 1.71
N LYS A 122 10.73 8.04 1.84
CA LYS A 122 10.01 7.38 2.90
C LYS A 122 9.75 5.92 2.53
N LEU A 123 9.60 5.08 3.55
CA LEU A 123 9.46 3.64 3.38
C LEU A 123 8.13 3.20 3.95
N VAL A 124 7.29 2.60 3.10
CA VAL A 124 6.03 2.02 3.55
C VAL A 124 6.34 0.58 3.95
N LEU A 125 6.40 0.33 5.26
CA LEU A 125 6.73 -0.97 5.81
C LEU A 125 5.42 -1.73 6.04
N MET A 126 5.14 -2.68 5.16
CA MET A 126 3.91 -3.46 5.24
C MET A 126 4.14 -4.79 5.95
N HIS A 127 3.17 -5.18 6.78
CA HIS A 127 3.15 -6.49 7.40
C HIS A 127 2.22 -7.41 6.62
N SER A 128 2.59 -8.68 6.52
CA SER A 128 1.72 -9.71 6.00
C SER A 128 1.97 -10.98 6.77
N VAL A 129 0.97 -11.87 6.80
CA VAL A 129 1.18 -13.16 7.43
C VAL A 129 2.07 -14.05 6.57
N GLN A 130 2.25 -13.72 5.29
CA GLN A 130 3.14 -14.47 4.42
C GLN A 130 4.59 -14.01 4.57
N ARG A 131 4.80 -12.74 4.93
CA ARG A 131 6.12 -12.14 5.12
C ARG A 131 6.90 -12.04 3.80
N ILE A 132 7.11 -13.16 3.13
CA ILE A 132 7.87 -13.22 1.88
C ILE A 132 6.92 -13.61 0.75
N GLY A 133 6.93 -12.83 -0.32
CA GLY A 133 6.15 -13.15 -1.50
C GLY A 133 4.77 -12.54 -1.50
N ALA A 134 4.03 -12.87 -2.55
CA ALA A 134 2.68 -12.34 -2.73
C ALA A 134 1.72 -12.95 -1.70
N ALA A 135 0.50 -12.43 -1.70
CA ALA A 135 -0.51 -12.91 -0.77
C ALA A 135 -0.93 -14.33 -1.12
N THR A 136 -1.44 -15.03 -0.11
CA THR A 136 -2.02 -16.36 -0.26
C THR A 136 -3.37 -16.38 0.43
N LYS A 137 -4.08 -17.50 0.29
CA LYS A 137 -5.37 -17.71 0.91
C LYS A 137 -5.18 -18.70 2.05
N VAL A 138 -5.14 -18.20 3.29
CA VAL A 138 -4.93 -19.02 4.48
C VAL A 138 -5.76 -18.45 5.61
N GLU A 139 -6.44 -19.33 6.35
CA GLU A 139 -7.23 -18.90 7.49
C GLU A 139 -6.33 -18.65 8.70
N THR A 140 -6.60 -17.56 9.42
CA THR A 140 -5.76 -17.14 10.53
C THR A 140 -6.62 -16.76 11.73
N ASN A 141 -5.98 -16.75 12.91
CA ASN A 141 -6.65 -16.30 14.13
C ASN A 141 -6.44 -14.80 14.29
N PRO A 142 -7.50 -14.01 14.38
CA PRO A 142 -7.32 -12.54 14.37
C PRO A 142 -6.44 -12.02 15.51
N ALA A 143 -6.71 -12.46 16.74
CA ALA A 143 -5.92 -11.96 17.88
C ALA A 143 -4.46 -12.33 17.74
N ALA A 144 -4.18 -13.57 17.33
CA ALA A 144 -2.78 -13.99 17.17
C ALA A 144 -2.09 -13.25 16.04
N VAL A 145 -2.82 -12.92 14.97
CA VAL A 145 -2.22 -12.18 13.87
C VAL A 145 -1.86 -10.77 14.31
N PHE A 146 -2.76 -10.10 15.04
CA PHE A 146 -2.47 -8.76 15.52
C PHE A 146 -1.26 -8.76 16.45
N THR A 147 -1.16 -9.77 17.31
CA THR A 147 -0.03 -9.85 18.25
C THR A 147 1.28 -10.04 17.50
N SER A 148 1.32 -10.96 16.53
CA SER A 148 2.54 -11.19 15.77
C SER A 148 2.89 -9.98 14.91
N MET A 149 1.88 -9.29 14.38
CA MET A 149 2.14 -8.09 13.60
CA MET A 149 2.14 -8.09 13.60
C MET A 149 2.79 -7.01 14.44
N MET A 150 2.33 -6.84 15.67
CA MET A 150 2.92 -5.83 16.57
C MET A 150 4.38 -6.16 16.84
N GLU A 151 4.69 -7.43 17.06
CA GLU A 151 6.08 -7.83 17.28
CA GLU A 151 6.07 -7.84 17.28
C GLU A 151 6.90 -7.71 16.01
N PHE A 152 6.29 -7.99 14.85
CA PHE A 152 7.00 -7.87 13.58
C PHE A 152 7.42 -6.42 13.33
N PHE A 153 6.49 -5.48 13.54
CA PHE A 153 6.83 -4.07 13.36
C PHE A 153 7.95 -3.65 14.30
N LYS A 154 7.86 -4.05 15.57
CA LYS A 154 8.86 -3.64 16.56
C LYS A 154 10.26 -4.10 16.16
N GLU A 155 10.39 -5.35 15.70
CA GLU A 155 11.71 -5.87 15.34
C GLU A 155 12.21 -5.29 14.03
N ARG A 156 11.32 -5.13 13.05
CA ARG A 156 11.75 -4.64 11.75
C ARG A 156 12.11 -3.16 11.80
N ILE A 157 11.34 -2.37 12.56
CA ILE A 157 11.68 -0.96 12.74
C ILE A 157 13.06 -0.84 13.40
N ALA A 158 13.30 -1.64 14.45
CA ALA A 158 14.56 -1.56 15.17
C ALA A 158 15.74 -1.97 14.27
N ALA A 159 15.53 -2.96 13.41
CA ALA A 159 16.60 -3.38 12.51
C ALA A 159 16.93 -2.30 11.49
N LEU A 160 15.91 -1.66 10.92
CA LEU A 160 16.15 -0.58 9.97
C LEU A 160 16.82 0.61 10.64
N VAL A 161 16.35 0.97 11.85
CA VAL A 161 16.93 2.10 12.56
C VAL A 161 18.38 1.80 12.94
N GLU A 162 18.66 0.58 13.39
CA GLU A 162 20.02 0.21 13.74
C GLU A 162 20.95 0.30 12.53
N ALA A 163 20.43 0.06 11.33
CA ALA A 163 21.24 0.12 10.12
C ALA A 163 21.42 1.53 9.59
N GLY A 164 20.78 2.53 10.19
CA GLY A 164 20.94 3.90 9.77
C GLY A 164 19.70 4.54 9.18
N VAL A 165 18.62 3.80 8.98
CA VAL A 165 17.39 4.37 8.43
C VAL A 165 16.76 5.26 9.48
N LYS A 166 16.55 6.53 9.16
CA LYS A 166 15.89 7.45 10.06
C LYS A 166 14.49 6.97 10.37
N ARG A 167 14.13 6.94 11.65
CA ARG A 167 12.87 6.35 12.07
C ARG A 167 11.67 7.07 11.47
N GLU A 168 11.77 8.40 11.31
CA GLU A 168 10.66 9.19 10.81
C GLU A 168 10.35 8.93 9.34
N ARG A 169 11.22 8.20 8.64
CA ARG A 169 10.96 7.85 7.24
C ARG A 169 10.02 6.65 7.09
N ILE A 170 9.69 5.97 8.19
CA ILE A 170 8.98 4.70 8.12
C ILE A 170 7.48 4.94 8.28
N ILE A 171 6.70 4.44 7.34
CA ILE A 171 5.24 4.40 7.43
C ILE A 171 4.83 2.95 7.55
N LEU A 172 3.94 2.65 8.51
CA LEU A 172 3.54 1.29 8.81
C LEU A 172 2.24 0.96 8.10
N ASP A 173 2.18 -0.25 7.54
CA ASP A 173 0.98 -0.76 6.90
C ASP A 173 0.71 -2.14 7.47
N PRO A 174 -0.40 -2.33 8.19
CA PRO A 174 -0.64 -3.63 8.84
C PRO A 174 -0.98 -4.75 7.87
N GLY A 175 -1.14 -4.47 6.58
CA GLY A 175 -1.67 -5.44 5.64
C GLY A 175 -3.18 -5.52 5.76
N MET A 176 -3.79 -6.14 4.76
CA MET A 176 -5.24 -6.22 4.73
C MET A 176 -5.66 -7.29 3.75
N GLY A 177 -6.84 -7.86 3.97
CA GLY A 177 -7.36 -8.87 3.06
C GLY A 177 -6.55 -10.15 3.17
N PHE A 178 -6.18 -10.69 2.00
CA PHE A 178 -5.42 -11.94 1.96
C PHE A 178 -4.04 -11.81 2.59
N PHE A 179 -3.53 -10.59 2.73
CA PHE A 179 -2.29 -10.38 3.47
C PHE A 179 -2.47 -10.69 4.95
N LEU A 180 -3.71 -10.74 5.44
CA LEU A 180 -4.00 -11.05 6.84
C LEU A 180 -4.68 -12.40 7.02
N GLY A 181 -5.43 -12.87 6.04
CA GLY A 181 -6.11 -14.14 6.16
C GLY A 181 -7.28 -14.23 5.21
N SER A 182 -7.67 -15.47 4.91
CA SER A 182 -8.83 -15.70 4.06
C SER A 182 -10.13 -15.45 4.79
N ASN A 183 -10.13 -15.50 6.11
CA ASN A 183 -11.32 -15.16 6.88
C ASN A 183 -11.38 -13.66 7.11
N PRO A 184 -12.54 -13.02 6.91
CA PRO A 184 -12.59 -11.55 7.03
C PRO A 184 -12.44 -11.03 8.45
N GLU A 185 -12.58 -11.90 9.45
CA GLU A 185 -12.52 -11.44 10.84
C GLU A 185 -11.14 -10.87 11.18
N THR A 186 -10.08 -11.40 10.58
CA THR A 186 -8.75 -10.86 10.84
C THR A 186 -8.62 -9.44 10.29
N SER A 187 -9.13 -9.19 9.09
CA SER A 187 -9.10 -7.85 8.52
C SER A 187 -9.96 -6.90 9.33
N ILE A 188 -11.12 -7.36 9.79
CA ILE A 188 -12.01 -6.53 10.60
C ILE A 188 -11.31 -6.10 11.89
N LEU A 189 -10.63 -7.03 12.55
CA LEU A 189 -9.96 -6.70 13.80
C LEU A 189 -8.86 -5.67 13.59
N VAL A 190 -8.07 -5.83 12.52
CA VAL A 190 -7.00 -4.88 12.25
C VAL A 190 -7.56 -3.50 11.95
N LEU A 191 -8.69 -3.45 11.22
CA LEU A 191 -9.33 -2.17 10.93
C LEU A 191 -9.81 -1.50 12.22
N LYS A 192 -10.29 -2.29 13.18
CA LYS A 192 -10.78 -1.75 14.43
C LYS A 192 -9.67 -1.32 15.37
N ARG A 193 -8.48 -1.91 15.25
CA ARG A 193 -7.43 -1.72 16.23
C ARG A 193 -6.18 -1.05 15.68
N PHE A 194 -6.17 -0.62 14.42
CA PHE A 194 -4.97 0.00 13.86
C PHE A 194 -4.52 1.27 14.60
N PRO A 195 -5.38 2.06 15.26
CA PRO A 195 -4.85 3.16 16.07
C PRO A 195 -3.85 2.72 17.13
N GLU A 196 -3.91 1.47 17.59
CA GLU A 196 -2.91 0.97 18.52
C GLU A 196 -1.53 0.90 17.89
N ILE A 197 -1.45 0.78 16.56
CA ILE A 197 -0.16 0.81 15.89
C ILE A 197 0.44 2.20 15.94
N GLN A 198 -0.38 3.22 15.66
CA GLN A 198 0.10 4.60 15.76
C GLN A 198 0.56 4.92 17.18
N GLU A 199 -0.18 4.45 18.18
CA GLU A 199 0.14 4.79 19.57
C GLU A 199 1.42 4.10 20.01
N ALA A 200 1.62 2.84 19.64
CA ALA A 200 2.75 2.07 20.15
C ALA A 200 4.07 2.48 19.50
N PHE A 201 4.05 2.82 18.22
CA PHE A 201 5.28 3.12 17.49
C PHE A 201 5.47 4.59 17.15
N ASN A 202 4.45 5.42 17.35
CA ASN A 202 4.53 6.85 17.05
C ASN A 202 4.91 7.08 15.60
N LEU A 203 4.36 6.25 14.71
CA LEU A 203 4.58 6.39 13.28
C LEU A 203 3.23 6.47 12.58
N GLN A 204 3.26 7.00 11.36
CA GLN A 204 2.05 7.05 10.56
C GLN A 204 1.66 5.66 10.09
N VAL A 205 0.37 5.47 9.83
CA VAL A 205 -0.17 4.18 9.43
C VAL A 205 -0.95 4.34 8.14
N MET A 206 -0.74 3.42 7.20
CA MET A 206 -1.48 3.37 5.96
C MET A 206 -2.47 2.21 6.00
N ILE A 207 -3.70 2.49 5.57
CA ILE A 207 -4.75 1.49 5.46
C ILE A 207 -5.08 1.31 3.99
N ALA A 208 -5.12 0.06 3.54
CA ALA A 208 -5.30 -0.28 2.12
C ALA A 208 -6.37 -1.37 2.01
N VAL A 209 -7.63 -0.96 1.89
CA VAL A 209 -8.74 -1.90 1.83
C VAL A 209 -9.36 -2.02 0.45
N SER A 210 -9.02 -1.12 -0.48
CA SER A 210 -9.79 -0.91 -1.70
C SER A 210 -10.03 -2.21 -2.47
N ARG A 211 -11.31 -2.57 -2.59
CA ARG A 211 -11.81 -3.67 -3.40
C ARG A 211 -11.34 -5.05 -2.94
N LYS A 212 -10.73 -5.15 -1.76
CA LYS A 212 -10.12 -6.41 -1.36
C LYS A 212 -11.19 -7.46 -1.03
N SER A 213 -10.72 -8.72 -0.97
CA SER A 213 -11.62 -9.86 -0.93
C SER A 213 -12.53 -9.84 0.28
N PHE A 214 -12.00 -9.48 1.46
CA PHE A 214 -12.79 -9.59 2.68
C PHE A 214 -14.03 -8.70 2.64
N LEU A 215 -13.97 -7.59 1.91
CA LEU A 215 -15.16 -6.76 1.72
C LEU A 215 -16.22 -7.53 0.95
N GLY A 216 -15.81 -8.28 -0.07
CA GLY A 216 -16.75 -9.07 -0.84
C GLY A 216 -17.38 -10.20 -0.04
N LYS A 217 -16.61 -10.80 0.87
CA LYS A 217 -17.16 -11.88 1.68
C LYS A 217 -18.20 -11.37 2.67
N ILE A 218 -18.01 -10.16 3.20
CA ILE A 218 -18.98 -9.62 4.15
C ILE A 218 -20.28 -9.24 3.46
N THR A 219 -20.19 -8.69 2.24
CA THR A 219 -21.36 -8.20 1.54
C THR A 219 -21.88 -9.13 0.45
N GLY A 220 -21.07 -10.09 0.00
CA GLY A 220 -21.49 -10.99 -1.05
C GLY A 220 -21.44 -10.34 -2.43
N THR A 221 -20.33 -9.67 -2.73
CA THR A 221 -20.18 -8.93 -3.98
C THR A 221 -18.87 -9.32 -4.66
N ASP A 222 -18.90 -9.32 -5.98
CA ASP A 222 -17.67 -9.52 -6.74
C ASP A 222 -16.85 -8.23 -6.81
N VAL A 223 -15.65 -8.34 -7.38
CA VAL A 223 -14.68 -7.25 -7.31
C VAL A 223 -15.18 -6.00 -8.06
N LYS A 224 -16.10 -6.16 -9.00
CA LYS A 224 -16.54 -5.01 -9.80
C LYS A 224 -17.62 -4.20 -9.11
N SER A 225 -18.31 -4.76 -8.12
CA SER A 225 -19.37 -4.07 -7.40
C SER A 225 -18.97 -3.80 -5.95
N ARG A 226 -17.69 -3.46 -5.73
CA ARG A 226 -17.15 -3.30 -4.39
C ARG A 226 -16.85 -1.85 -4.04
N LEU A 227 -17.36 -0.90 -4.80
CA LEU A 227 -17.13 0.51 -4.47
C LEU A 227 -17.80 0.88 -3.15
N ALA A 228 -19.09 0.54 -3.00
CA ALA A 228 -19.80 0.87 -1.77
C ALA A 228 -19.18 0.24 -0.53
N PRO A 229 -18.85 -1.06 -0.50
CA PRO A 229 -18.16 -1.58 0.69
C PRO A 229 -16.77 -1.01 0.88
N THR A 230 -16.08 -0.67 -0.22
CA THR A 230 -14.78 -0.02 -0.09
C THR A 230 -14.92 1.34 0.59
N LEU A 231 -15.86 2.17 0.11
CA LEU A 231 -16.05 3.50 0.70
C LEU A 231 -16.45 3.42 2.16
N ALA A 232 -17.28 2.43 2.52
CA ALA A 232 -17.67 2.28 3.91
C ALA A 232 -16.47 1.99 4.80
N ALA A 233 -15.56 1.13 4.33
CA ALA A 233 -14.38 0.80 5.12
C ALA A 233 -13.36 1.93 5.10
N GLU A 234 -13.28 2.67 3.99
CA GLU A 234 -12.29 3.74 3.90
C GLU A 234 -12.65 4.92 4.79
N MET A 235 -13.93 5.29 4.86
CA MET A 235 -14.30 6.38 5.77
C MET A 235 -14.34 5.94 7.23
N TYR A 236 -14.54 4.66 7.51
CA TYR A 236 -14.31 4.18 8.86
C TYR A 236 -12.84 4.40 9.25
N ALA A 237 -11.93 4.02 8.35
CA ALA A 237 -10.50 4.20 8.61
C ALA A 237 -10.13 5.67 8.73
N TYR A 238 -10.72 6.52 7.89
CA TYR A 238 -10.47 7.95 7.98
C TYR A 238 -10.96 8.51 9.31
N LYS A 239 -12.18 8.13 9.71
CA LYS A 239 -12.72 8.63 10.97
C LYS A 239 -11.89 8.14 12.16
N LYS A 240 -11.26 6.98 12.03
CA LYS A 240 -10.42 6.44 13.10
CA LYS A 240 -10.42 6.45 13.10
C LYS A 240 -9.01 7.02 13.09
N GLY A 241 -8.67 7.87 12.12
CA GLY A 241 -7.40 8.53 12.09
C GLY A 241 -6.32 7.92 11.22
N ALA A 242 -6.69 7.18 10.17
CA ALA A 242 -5.68 6.64 9.27
C ALA A 242 -4.93 7.78 8.58
N ASP A 243 -3.60 7.68 8.54
CA ASP A 243 -2.81 8.75 7.97
C ASP A 243 -2.81 8.71 6.45
N TYR A 244 -2.81 7.50 5.87
CA TYR A 244 -2.82 7.32 4.44
C TYR A 244 -3.89 6.30 4.06
N LEU A 245 -4.52 6.52 2.92
CA LEU A 245 -5.48 5.57 2.35
C LEU A 245 -5.04 5.26 0.92
N ARG A 246 -4.87 3.97 0.64
CA ARG A 246 -4.44 3.50 -0.69
C ARG A 246 -5.66 2.95 -1.40
N THR A 247 -6.07 3.61 -2.48
CA THR A 247 -7.35 3.32 -3.12
C THR A 247 -7.23 3.33 -4.64
N HIS A 248 -8.19 2.69 -5.29
CA HIS A 248 -8.33 2.73 -6.73
C HIS A 248 -9.18 3.91 -7.18
N ASP A 249 -10.37 4.06 -6.60
CA ASP A 249 -11.30 5.12 -6.97
C ASP A 249 -11.00 6.35 -6.11
N VAL A 250 -10.05 7.16 -6.58
CA VAL A 250 -9.64 8.34 -5.84
C VAL A 250 -10.76 9.38 -5.81
N LYS A 251 -11.47 9.54 -6.94
CA LYS A 251 -12.52 10.56 -7.00
C LYS A 251 -13.64 10.26 -6.02
N SER A 252 -14.06 8.99 -5.93
CA SER A 252 -15.13 8.64 -4.99
C SER A 252 -14.68 8.82 -3.54
N LEU A 253 -13.44 8.42 -3.23
CA LEU A 253 -12.95 8.60 -1.88
C LEU A 253 -12.83 10.08 -1.53
N SER A 254 -12.30 10.88 -2.45
CA SER A 254 -12.16 12.31 -2.21
C SER A 254 -13.51 12.97 -1.96
N ASP A 255 -14.49 12.68 -2.84
CA ASP A 255 -15.82 13.23 -2.65
C ASP A 255 -16.43 12.78 -1.32
N ALA A 256 -16.22 11.52 -0.97
CA ALA A 256 -16.74 11.00 0.30
C ALA A 256 -16.06 11.66 1.49
N LEU A 257 -14.75 11.89 1.40
CA LEU A 257 -14.05 12.57 2.49
C LEU A 257 -14.49 14.02 2.63
N LYS A 258 -14.85 14.67 1.51
CA LYS A 258 -15.33 16.05 1.59
C LYS A 258 -16.66 16.12 2.32
N ILE A 259 -17.56 15.17 2.07
CA ILE A 259 -18.84 15.14 2.77
C ILE A 259 -18.61 14.85 4.25
N SER A 260 -17.78 13.85 4.56
CA SER A 260 -17.53 13.48 5.95
C SER A 260 -16.90 14.64 6.72
N LYS A 261 -16.02 15.40 6.07
CA LYS A 261 -15.42 16.54 6.72
C LYS A 261 -16.45 17.64 6.99
N ALA A 262 -17.37 17.85 6.04
CA ALA A 262 -18.38 18.90 6.22
C ALA A 262 -19.38 18.53 7.30
N LEU A 263 -19.62 17.24 7.54
CA LEU A 263 -20.59 16.82 8.52
C LEU A 263 -19.99 16.60 9.90
N GLY A 264 -18.73 16.18 9.98
CA GLY A 264 -18.08 15.93 11.25
C GLY A 264 -17.86 17.19 12.07
N1 XHP B . 0.64 -2.17 -0.70
C2 XHP B . 0.39 -1.82 0.56
N2 XHP B . 1.22 -0.99 1.20
N3 XHP B . -0.70 -2.29 1.24
C4 XHP B . -1.59 -3.15 0.64
O4 XHP B . -2.55 -3.56 1.29
N5 XHP B . -2.29 -4.27 -1.37
C6 XHP B . -1.99 -4.65 -2.60
C7 XHP B . -0.70 -4.36 -3.30
N8 XHP B . 0.21 -3.45 -2.56
C9 XHP B . -0.18 -3.01 -1.32
C10 XHP B . -1.33 -3.52 -0.68
C6A XHP B . -3.08 -5.21 -3.30
C1' PAB C . -7.24 -9.11 -1.53
O1' PAB C . -8.23 -9.07 -2.29
O2' PAB C . -7.35 -9.50 -0.34
C1 PAB C . -5.90 -8.68 -2.04
C2 PAB C . -4.77 -8.91 -1.27
C3 PAB C . -3.51 -8.52 -1.74
C4 PAB C . -3.41 -7.89 -2.98
C5 PAB C . -4.55 -7.66 -3.74
C6 PAB C . -5.79 -8.05 -3.27
N4 PAB C . -2.19 -7.50 -3.44
C1 GOL D . 14.84 -11.13 -12.79
O1 GOL D . 14.01 -11.33 -11.68
C2 GOL D . 14.19 -11.89 -13.97
O2 GOL D . 14.21 -13.27 -13.77
C3 GOL D . 15.01 -11.47 -15.21
O3 GOL D . 14.83 -10.10 -15.38
C1 GOL E . -18.30 -9.79 11.05
O1 GOL E . -19.42 -9.10 11.48
C2 GOL E . -18.77 -10.79 9.96
O2 GOL E . -19.39 -10.14 8.90
C3 GOL E . -17.48 -11.53 9.52
O3 GOL E . -17.86 -12.41 8.51
CL CL F . -5.98 -22.29 5.66
CL CL G . -10.22 0.86 -12.90
CL CL H . -22.31 -8.62 -7.36
CL CL I . 13.44 -7.98 11.49
CL CL J . 20.65 0.12 -2.60
MG MG K . -0.90 -3.39 -7.62
P1 POP L . -3.84 -3.64 -6.12
O1 POP L . -4.47 -3.19 -4.81
O2 POP L . -2.44 -3.10 -6.22
O3 POP L . -4.67 -3.10 -7.26
O POP L . -3.83 -5.25 -6.21
P2 POP L . -2.70 -6.06 -7.02
O4 POP L . -3.35 -7.27 -7.68
O5 POP L . -1.62 -6.54 -6.08
O6 POP L . -2.09 -5.18 -8.08
#